data_9N20
#
_entry.id   9N20
#
_cell.length_a   145.584
_cell.length_b   145.584
_cell.length_c   76.855
_cell.angle_alpha   90.00
_cell.angle_beta   90.00
_cell.angle_gamma   120.00
#
_symmetry.space_group_name_H-M   'P 61'
#
loop_
_entity.id
_entity.type
_entity.pdbx_description
1 polymer 'Complement C3dg fragment'
2 polymer 'Fibrinogen-binding protein'
3 polymer 'Complement factor H-related protein 2'
#
loop_
_entity_poly.entity_id
_entity_poly.type
_entity_poly.pdbx_seq_one_letter_code
_entity_poly.pdbx_strand_id
1 'polypeptide(L)'
;GSRSTDAERLKHLIVTPSGAGEQNMIGMTPTVIAVHYLDETEQWEKFGLEKRQGALELIKKGYTQQLAFRQPSSAFAAFV
KRAPSTWLTAYVVKVFSLAVNLIAIDSQVLCGAVKWLILEKQKPDGVFQEDAPVIHQEMIGGLRNNNEKDMALTAFVLIS
LQEAKDICEEQVNSLPGSITKAGDFLEANYMNLQRSYTVAIAGYALAQMGRLKGPLLNKFLTTAKDKNRWEDPGKQLYNV
EATSYALLALLQLKDFDFVPPVVRWLNEQRYYGGGYGSTQATFMVFQALAQYQKDAP
;
A
2 'polypeptide(L)' GSTFNKPAAKTDATIKKEQKLIQAQNLVREFEKTHTVSAHRKAQKAVNLVSFEYKVKKMVLQERIDNVLKQGLVR C
3 'polypeptide(L)'
;GSTGSSAEKCGPPPPIDNGDITSFLLSVYAPGSSVEYQCQNLYQLEGNNQITCRNGQWSEPPKCLDPCVISQEIMEKYNI
KLKWTNQQKLYSRTGDIVEFVCKSGYHPTKSHSFRAMCQNGKLVYPSCEEK
;
B
#
# COMPACT_ATOMS: atom_id res chain seq x y z
N SER A 4 24.32 8.79 -11.90
CA SER A 4 23.42 9.46 -10.97
C SER A 4 23.08 10.86 -11.45
N THR A 5 21.80 11.22 -11.39
CA THR A 5 21.36 12.54 -11.82
C THR A 5 21.97 13.62 -10.94
N ASP A 6 22.52 14.66 -11.57
CA ASP A 6 23.14 15.75 -10.82
C ASP A 6 22.11 16.43 -9.93
N ALA A 7 22.48 16.63 -8.67
CA ALA A 7 21.57 17.24 -7.70
C ALA A 7 21.43 18.74 -7.89
N GLU A 8 22.19 19.34 -8.80
CA GLU A 8 22.05 20.77 -9.05
C GLU A 8 20.68 21.12 -9.60
N ARG A 9 20.07 20.20 -10.35
CA ARG A 9 18.74 20.45 -10.90
C ARG A 9 17.65 20.26 -9.85
N LEU A 10 17.84 19.33 -8.92
CA LEU A 10 16.80 18.94 -7.98
C LEU A 10 16.62 19.92 -6.83
N LYS A 11 17.25 21.09 -6.88
CA LYS A 11 17.13 22.06 -5.80
C LYS A 11 15.69 22.55 -5.65
N HIS A 12 14.90 22.51 -6.73
CA HIS A 12 13.53 23.02 -6.67
C HIS A 12 12.58 22.07 -5.94
N LEU A 13 12.96 20.80 -5.75
CA LEU A 13 12.10 19.85 -5.06
C LEU A 13 12.05 20.09 -3.55
N ILE A 14 12.83 21.03 -3.03
CA ILE A 14 12.80 21.36 -1.61
C ILE A 14 11.74 22.46 -1.44
N VAL A 15 10.57 22.06 -0.95
CA VAL A 15 9.44 22.97 -0.82
C VAL A 15 8.91 22.92 0.60
N THR A 16 7.94 23.79 0.88
CA THR A 16 7.32 23.86 2.20
C THR A 16 5.94 23.23 2.12
N PRO A 17 5.69 22.11 2.80
CA PRO A 17 4.35 21.50 2.77
C PRO A 17 3.26 22.44 3.26
N SER A 18 2.35 22.81 2.36
CA SER A 18 1.27 23.72 2.68
C SER A 18 0.03 23.33 1.89
N GLY A 19 -1.07 23.13 2.59
CA GLY A 19 -2.32 22.80 1.93
C GLY A 19 -3.24 22.04 2.87
N ALA A 20 -4.32 21.51 2.27
CA ALA A 20 -5.28 20.71 3.02
C ALA A 20 -4.85 19.25 3.05
N GLY A 21 -5.81 18.34 3.18
CA GLY A 21 -5.51 16.92 3.23
C GLY A 21 -4.86 16.36 1.99
N GLU A 22 -4.91 17.10 0.87
CA GLU A 22 -4.32 16.65 -0.38
C GLU A 22 -3.14 17.49 -0.83
N GLN A 23 -3.26 18.82 -0.79
CA GLN A 23 -2.12 19.67 -1.18
C GLN A 23 -0.92 19.42 -0.28
N ASN A 24 -1.14 19.12 1.00
CA ASN A 24 -0.03 18.89 1.91
C ASN A 24 0.81 17.70 1.46
N MET A 25 0.16 16.67 0.92
CA MET A 25 0.91 15.52 0.40
C MET A 25 1.59 15.85 -0.91
N ILE A 26 0.98 16.72 -1.73
CA ILE A 26 1.68 17.21 -2.93
C ILE A 26 2.91 18.02 -2.54
N GLY A 27 2.93 18.56 -1.33
CA GLY A 27 4.10 19.30 -0.85
C GLY A 27 5.14 18.41 -0.22
N MET A 28 4.70 17.36 0.49
CA MET A 28 5.65 16.41 1.06
C MET A 28 6.37 15.62 -0.02
N THR A 29 5.63 15.22 -1.06
CA THR A 29 6.17 14.32 -2.09
C THR A 29 7.52 14.74 -2.64
N PRO A 30 7.73 15.97 -3.13
CA PRO A 30 9.06 16.30 -3.66
C PRO A 30 10.13 16.35 -2.59
N THR A 31 9.82 16.92 -1.42
CA THR A 31 10.80 17.01 -0.35
C THR A 31 11.19 15.62 0.16
N VAL A 32 10.20 14.76 0.38
CA VAL A 32 10.48 13.42 0.90
C VAL A 32 11.29 12.61 -0.11
N ILE A 33 10.87 12.65 -1.38
CA ILE A 33 11.53 11.82 -2.39
C ILE A 33 12.91 12.37 -2.74
N ALA A 34 13.12 13.68 -2.58
CA ALA A 34 14.44 14.24 -2.87
C ALA A 34 15.44 13.86 -1.78
N VAL A 35 15.03 13.95 -0.51
CA VAL A 35 15.89 13.48 0.56
C VAL A 35 16.14 11.99 0.45
N HIS A 36 15.11 11.24 0.07
CA HIS A 36 15.28 9.80 -0.17
C HIS A 36 16.29 9.55 -1.28
N TYR A 37 16.19 10.29 -2.38
CA TYR A 37 17.10 10.09 -3.50
C TYR A 37 18.53 10.45 -3.12
N LEU A 38 18.73 11.62 -2.51
CA LEU A 38 20.08 12.05 -2.19
C LEU A 38 20.72 11.20 -1.10
N ASP A 39 19.92 10.61 -0.22
CA ASP A 39 20.47 9.70 0.78
C ASP A 39 20.98 8.41 0.14
N GLU A 40 20.13 7.77 -0.68
CA GLU A 40 20.47 6.48 -1.26
C GLU A 40 21.38 6.57 -2.47
N THR A 41 21.65 7.78 -2.97
CA THR A 41 22.60 7.97 -4.06
C THR A 41 23.92 8.57 -3.60
N GLU A 42 24.01 9.00 -2.35
CA GLU A 42 25.26 9.51 -1.76
C GLU A 42 25.79 10.72 -2.53
N GLN A 43 24.90 11.68 -2.80
CA GLN A 43 25.26 12.93 -3.45
C GLN A 43 25.11 14.13 -2.52
N TRP A 44 24.95 13.90 -1.22
CA TRP A 44 24.69 15.01 -0.30
C TRP A 44 25.91 15.90 -0.12
N GLU A 45 27.12 15.33 -0.21
CA GLU A 45 28.31 16.12 0.03
C GLU A 45 28.52 17.17 -1.05
N LYS A 46 28.27 16.81 -2.31
CA LYS A 46 28.45 17.76 -3.41
C LYS A 46 27.28 18.73 -3.50
N PHE A 47 26.08 18.29 -3.17
CA PHE A 47 24.91 19.17 -3.24
C PHE A 47 24.84 20.13 -2.06
N GLY A 48 25.39 19.74 -0.92
CA GLY A 48 25.32 20.56 0.28
C GLY A 48 24.66 19.84 1.43
N LEU A 49 25.46 19.22 2.30
CA LEU A 49 24.91 18.41 3.39
C LEU A 49 24.18 19.27 4.42
N GLU A 50 24.58 20.53 4.57
CA GLU A 50 23.96 21.40 5.56
C GLU A 50 22.46 21.56 5.32
N LYS A 51 22.03 21.42 4.07
CA LYS A 51 20.62 21.59 3.73
C LYS A 51 19.78 20.37 4.13
N ARG A 52 20.40 19.22 4.33
CA ARG A 52 19.65 18.00 4.65
C ARG A 52 18.82 18.17 5.91
N GLN A 53 19.45 18.67 6.99
CA GLN A 53 18.74 18.86 8.24
C GLN A 53 17.53 19.77 8.06
N GLY A 54 17.70 20.87 7.31
CA GLY A 54 16.58 21.76 7.06
C GLY A 54 15.47 21.09 6.27
N ALA A 55 15.83 20.28 5.26
CA ALA A 55 14.83 19.56 4.50
C ALA A 55 14.10 18.55 5.38
N LEU A 56 14.81 17.94 6.32
CA LEU A 56 14.17 17.03 7.26
C LEU A 56 13.12 17.77 8.09
N GLU A 57 13.42 18.99 8.51
CA GLU A 57 12.44 19.79 9.26
C GLU A 57 11.19 20.05 8.42
N LEU A 58 11.36 20.26 7.11
CA LEU A 58 10.23 20.44 6.23
C LEU A 58 9.36 19.18 6.19
N ILE A 59 10.00 18.02 6.13
CA ILE A 59 9.26 16.76 6.14
C ILE A 59 8.49 16.61 7.45
N LYS A 60 9.10 17.01 8.56
CA LYS A 60 8.41 16.99 9.85
C LYS A 60 7.12 17.80 9.77
N LYS A 61 7.19 19.01 9.21
CA LYS A 61 6.01 19.86 9.07
C LYS A 61 4.89 19.13 8.34
N GLY A 62 5.17 18.61 7.15
CA GLY A 62 4.16 17.89 6.39
C GLY A 62 3.57 16.73 7.17
N TYR A 63 4.40 15.99 7.89
CA TYR A 63 3.93 14.88 8.70
C TYR A 63 2.89 15.34 9.73
N THR A 64 3.27 16.27 10.60
CA THR A 64 2.36 16.72 11.64
C THR A 64 1.17 17.48 11.07
N GLN A 65 1.36 18.20 9.96
CA GLN A 65 0.23 18.86 9.32
C GLN A 65 -0.77 17.85 8.77
N GLN A 66 -0.27 16.77 8.18
CA GLN A 66 -1.18 15.74 7.66
C GLN A 66 -1.94 15.05 8.78
N LEU A 67 -1.37 14.99 9.98
CA LEU A 67 -2.05 14.37 11.11
C LEU A 67 -3.33 15.11 11.48
N ALA A 68 -3.47 16.37 11.07
CA ALA A 68 -4.70 17.12 11.35
C ALA A 68 -5.87 16.65 10.51
N PHE A 69 -5.61 15.91 9.42
CA PHE A 69 -6.65 15.41 8.54
C PHE A 69 -6.89 13.91 8.72
N ARG A 70 -6.26 13.31 9.73
CA ARG A 70 -6.48 11.90 10.05
C ARG A 70 -7.85 11.74 10.69
N GLN A 71 -8.82 11.24 9.93
CA GLN A 71 -10.14 11.00 10.47
C GLN A 71 -10.08 9.93 11.58
N PRO A 72 -11.05 9.95 12.50
CA PRO A 72 -11.03 8.96 13.59
C PRO A 72 -11.00 7.52 13.14
N SER A 73 -11.52 7.22 11.94
CA SER A 73 -11.41 5.90 11.34
C SER A 73 -9.98 5.60 10.83
N SER A 74 -8.98 6.39 11.27
CA SER A 74 -7.59 6.25 10.87
C SER A 74 -7.38 6.50 9.38
N ALA A 75 -8.44 6.88 8.67
CA ALA A 75 -8.35 7.16 7.25
C ALA A 75 -8.01 8.63 7.04
N PHE A 76 -7.94 9.03 5.78
CA PHE A 76 -7.51 10.38 5.42
C PHE A 76 -8.41 10.93 4.31
N ALA A 77 -8.66 12.24 4.38
CA ALA A 77 -9.41 12.94 3.36
C ALA A 77 -8.98 14.39 3.34
N ALA A 78 -9.42 15.11 2.30
CA ALA A 78 -9.04 16.52 2.16
C ALA A 78 -9.51 17.34 3.35
N PHE A 79 -10.64 16.98 3.95
CA PHE A 79 -11.13 17.61 5.16
C PHE A 79 -11.52 16.54 6.17
N VAL A 80 -11.82 16.98 7.39
CA VAL A 80 -12.17 16.03 8.45
C VAL A 80 -13.59 15.53 8.27
N LYS A 81 -14.51 16.40 7.85
CA LYS A 81 -15.91 16.04 7.65
C LYS A 81 -16.19 15.49 6.25
N ARG A 82 -15.15 15.28 5.45
CA ARG A 82 -15.32 14.72 4.11
C ARG A 82 -15.23 13.21 4.15
N ALA A 83 -15.67 12.58 3.06
CA ALA A 83 -15.61 11.13 2.98
C ALA A 83 -14.17 10.66 2.78
N PRO A 84 -13.75 9.58 3.43
CA PRO A 84 -12.36 9.15 3.33
C PRO A 84 -12.06 8.54 1.96
N SER A 85 -10.87 8.87 1.45
CA SER A 85 -10.42 8.40 0.14
C SER A 85 -9.51 7.19 0.30
N THR A 86 -9.76 6.16 -0.50
CA THR A 86 -8.89 4.98 -0.47
C THR A 86 -7.51 5.30 -1.02
N TRP A 87 -7.44 6.03 -2.13
CA TRP A 87 -6.15 6.33 -2.75
C TRP A 87 -5.32 7.23 -1.85
N LEU A 88 -5.94 8.26 -1.26
CA LEU A 88 -5.19 9.18 -0.41
C LEU A 88 -4.62 8.45 0.81
N THR A 89 -5.40 7.55 1.40
CA THR A 89 -4.90 6.76 2.52
C THR A 89 -3.74 5.88 2.09
N ALA A 90 -3.85 5.23 0.93
CA ALA A 90 -2.76 4.40 0.44
C ALA A 90 -1.53 5.24 0.13
N TYR A 91 -1.72 6.44 -0.44
CA TYR A 91 -0.57 7.29 -0.76
C TYR A 91 0.11 7.80 0.50
N VAL A 92 -0.67 8.21 1.50
CA VAL A 92 -0.10 8.67 2.76
C VAL A 92 0.69 7.55 3.42
N VAL A 93 0.16 6.33 3.37
CA VAL A 93 0.89 5.17 3.87
C VAL A 93 2.20 5.00 3.13
N LYS A 94 2.18 5.18 1.80
CA LYS A 94 3.38 5.01 1.00
C LYS A 94 4.43 6.08 1.32
N VAL A 95 4.02 7.34 1.36
CA VAL A 95 4.96 8.42 1.64
C VAL A 95 5.53 8.27 3.05
N PHE A 96 4.68 7.94 4.01
CA PHE A 96 5.15 7.82 5.39
C PHE A 96 6.05 6.60 5.56
N SER A 97 5.77 5.51 4.83
CA SER A 97 6.63 4.33 4.91
C SER A 97 8.03 4.62 4.39
N LEU A 98 8.15 5.51 3.40
CA LEU A 98 9.48 5.95 2.98
C LEU A 98 10.09 6.92 3.99
N ALA A 99 9.25 7.64 4.74
CA ALA A 99 9.72 8.67 5.65
C ALA A 99 10.16 8.12 7.00
N VAL A 100 9.90 6.84 7.28
CA VAL A 100 10.37 6.25 8.54
C VAL A 100 11.88 6.15 8.61
N ASN A 101 12.57 6.30 7.47
CA ASN A 101 14.03 6.34 7.43
C ASN A 101 14.57 7.75 7.66
N LEU A 102 13.70 8.74 7.79
CA LEU A 102 14.13 10.14 7.90
C LEU A 102 13.70 10.76 9.21
N ILE A 103 12.40 10.84 9.49
CA ILE A 103 11.89 11.46 10.71
C ILE A 103 11.16 10.41 11.53
N ALA A 104 10.79 10.80 12.75
CA ALA A 104 10.04 9.92 13.63
C ALA A 104 8.59 9.85 13.18
N ILE A 105 8.02 8.64 13.23
CA ILE A 105 6.66 8.40 12.76
C ILE A 105 5.98 7.44 13.74
N ASP A 106 4.72 7.72 14.04
CA ASP A 106 3.92 6.86 14.91
C ASP A 106 3.46 5.64 14.11
N SER A 107 3.80 4.45 14.60
CA SER A 107 3.44 3.22 13.89
C SER A 107 1.92 3.04 13.87
N GLN A 108 1.24 3.42 14.95
CA GLN A 108 -0.20 3.18 15.05
C GLN A 108 -0.97 3.96 13.97
N VAL A 109 -0.42 5.08 13.52
CA VAL A 109 -1.09 5.86 12.47
C VAL A 109 -1.10 5.08 11.16
N LEU A 110 0.07 4.58 10.74
CA LEU A 110 0.15 3.81 9.50
C LEU A 110 -0.67 2.54 9.60
N CYS A 111 -0.57 1.83 10.73
CA CYS A 111 -1.25 0.55 10.86
C CYS A 111 -2.75 0.72 10.99
N GLY A 112 -3.20 1.80 11.64
CA GLY A 112 -4.63 2.10 11.65
C GLY A 112 -5.16 2.35 10.26
N ALA A 113 -4.37 3.03 9.43
CA ALA A 113 -4.76 3.26 8.04
C ALA A 113 -4.77 1.96 7.25
N VAL A 114 -3.82 1.06 7.55
CA VAL A 114 -3.77 -0.22 6.85
C VAL A 114 -4.95 -1.09 7.24
N LYS A 115 -5.26 -1.16 8.54
CA LYS A 115 -6.43 -1.93 8.98
C LYS A 115 -7.71 -1.39 8.35
N TRP A 116 -7.79 -0.07 8.19
CA TRP A 116 -8.96 0.52 7.56
C TRP A 116 -9.08 0.10 6.10
N LEU A 117 -7.97 0.18 5.36
CA LEU A 117 -7.98 -0.23 3.96
C LEU A 117 -8.35 -1.70 3.81
N ILE A 118 -7.88 -2.55 4.73
CA ILE A 118 -8.13 -3.98 4.63
C ILE A 118 -9.59 -4.30 4.95
N LEU A 119 -10.08 -3.80 6.08
CA LEU A 119 -11.40 -4.21 6.56
C LEU A 119 -12.53 -3.52 5.79
N GLU A 120 -12.35 -2.25 5.43
CA GLU A 120 -13.43 -1.46 4.88
C GLU A 120 -13.40 -1.35 3.36
N LYS A 121 -12.23 -1.14 2.77
CA LYS A 121 -12.14 -0.80 1.35
C LYS A 121 -11.55 -1.92 0.50
N GLN A 122 -11.61 -3.16 0.96
CA GLN A 122 -11.23 -4.31 0.15
C GLN A 122 -12.47 -5.18 -0.09
N LYS A 123 -12.74 -5.45 -1.36
CA LYS A 123 -13.93 -6.20 -1.75
C LYS A 123 -13.66 -7.70 -1.66
N PRO A 124 -14.69 -8.53 -1.78
CA PRO A 124 -14.49 -9.98 -1.62
C PRO A 124 -13.43 -10.59 -2.52
N ASP A 125 -13.26 -10.09 -3.74
CA ASP A 125 -12.29 -10.66 -4.67
C ASP A 125 -10.90 -10.05 -4.54
N GLY A 126 -10.64 -9.31 -3.46
CA GLY A 126 -9.35 -8.69 -3.25
C GLY A 126 -9.18 -7.32 -3.85
N VAL A 127 -10.17 -6.82 -4.59
CA VAL A 127 -10.06 -5.51 -5.21
C VAL A 127 -10.21 -4.43 -4.16
N PHE A 128 -9.43 -3.35 -4.30
CA PHE A 128 -9.61 -2.16 -3.49
C PHE A 128 -10.43 -1.16 -4.28
N GLN A 129 -11.42 -0.56 -3.63
CA GLN A 129 -12.39 0.31 -4.27
C GLN A 129 -12.24 1.74 -3.75
N GLU A 130 -12.29 2.70 -4.67
CA GLU A 130 -12.24 4.12 -4.32
C GLU A 130 -13.67 4.62 -4.22
N ASP A 131 -14.18 4.72 -2.99
CA ASP A 131 -15.54 5.18 -2.76
C ASP A 131 -15.64 6.68 -2.56
N ALA A 132 -14.51 7.39 -2.53
CA ALA A 132 -14.51 8.85 -2.40
C ALA A 132 -13.28 9.38 -3.12
N PRO A 133 -13.36 9.56 -4.43
CA PRO A 133 -12.19 10.02 -5.20
C PRO A 133 -11.67 11.36 -4.69
N VAL A 134 -10.37 11.57 -4.87
CA VAL A 134 -9.71 12.78 -4.41
C VAL A 134 -10.15 13.97 -5.27
N ILE A 135 -9.90 15.18 -4.79
CA ILE A 135 -10.28 16.37 -5.54
C ILE A 135 -9.26 16.66 -6.65
N HIS A 136 -7.99 16.44 -6.37
CA HIS A 136 -6.91 16.71 -7.33
C HIS A 136 -6.59 15.42 -8.07
N GLN A 137 -7.28 15.19 -9.18
CA GLN A 137 -7.00 14.02 -10.00
C GLN A 137 -5.69 14.13 -10.77
N GLU A 138 -4.92 15.20 -10.56
CA GLU A 138 -3.60 15.34 -11.18
C GLU A 138 -2.49 14.78 -10.30
N MET A 139 -2.73 14.60 -9.00
CA MET A 139 -1.74 14.04 -8.11
C MET A 139 -1.70 12.52 -8.14
N ILE A 140 -2.68 11.87 -8.79
CA ILE A 140 -2.76 10.42 -8.80
C ILE A 140 -2.15 9.80 -10.04
N GLY A 141 -1.61 10.61 -10.94
CA GLY A 141 -0.87 10.07 -12.07
C GLY A 141 -1.74 9.33 -13.06
N GLY A 142 -1.13 8.36 -13.74
CA GLY A 142 -1.81 7.57 -14.76
C GLY A 142 -3.02 6.80 -14.27
N LEU A 143 -3.23 6.76 -12.96
CA LEU A 143 -4.39 6.09 -12.40
C LEU A 143 -5.67 6.89 -12.60
N ARG A 144 -5.57 8.15 -13.03
CA ARG A 144 -6.75 8.93 -13.37
C ARG A 144 -7.55 8.29 -14.50
N ASN A 145 -6.87 7.64 -15.44
CA ASN A 145 -7.56 7.00 -16.55
C ASN A 145 -8.51 5.93 -16.03
N ASN A 146 -9.73 5.92 -16.58
CA ASN A 146 -10.78 5.04 -16.08
C ASN A 146 -10.57 3.59 -16.48
N ASN A 147 -10.00 3.34 -17.65
CA ASN A 147 -9.82 1.97 -18.12
C ASN A 147 -8.89 1.20 -17.18
N GLU A 148 -9.35 0.02 -16.75
CA GLU A 148 -8.59 -0.84 -15.84
C GLU A 148 -8.33 -0.13 -14.52
N LYS A 149 -9.35 0.58 -14.02
CA LYS A 149 -9.22 1.27 -12.74
C LYS A 149 -9.11 0.29 -11.58
N ASP A 150 -9.81 -0.84 -11.68
CA ASP A 150 -9.76 -1.84 -10.63
C ASP A 150 -8.35 -2.42 -10.48
N MET A 151 -7.75 -2.82 -11.60
CA MET A 151 -6.42 -3.42 -11.54
C MET A 151 -5.38 -2.44 -11.04
N ALA A 152 -5.42 -1.20 -11.55
CA ALA A 152 -4.37 -0.24 -11.21
C ALA A 152 -4.50 0.26 -9.78
N LEU A 153 -5.73 0.48 -9.31
CA LEU A 153 -5.92 0.90 -7.92
C LEU A 153 -5.53 -0.20 -6.95
N THR A 154 -5.91 -1.44 -7.25
CA THR A 154 -5.51 -2.57 -6.41
C THR A 154 -3.99 -2.69 -6.34
N ALA A 155 -3.32 -2.53 -7.49
CA ALA A 155 -1.86 -2.58 -7.50
C ALA A 155 -1.28 -1.44 -6.68
N PHE A 156 -1.86 -0.24 -6.79
CA PHE A 156 -1.34 0.90 -6.04
C PHE A 156 -1.46 0.67 -4.54
N VAL A 157 -2.65 0.28 -4.07
CA VAL A 157 -2.84 0.02 -2.64
C VAL A 157 -1.95 -1.14 -2.20
N LEU A 158 -1.81 -2.16 -3.06
CA LEU A 158 -0.98 -3.32 -2.70
C LEU A 158 0.48 -2.92 -2.54
N ILE A 159 0.98 -2.05 -3.42
CA ILE A 159 2.35 -1.58 -3.32
C ILE A 159 2.55 -0.78 -2.03
N SER A 160 1.55 0.03 -1.68
CA SER A 160 1.64 0.83 -0.45
C SER A 160 1.56 -0.06 0.78
N LEU A 161 0.76 -1.13 0.71
CA LEU A 161 0.69 -2.07 1.84
C LEU A 161 2.01 -2.81 2.02
N GLN A 162 2.61 -3.26 0.92
CA GLN A 162 3.88 -3.99 1.01
C GLN A 162 5.03 -3.08 1.39
N GLU A 163 4.90 -1.77 1.20
CA GLU A 163 5.91 -0.85 1.71
C GLU A 163 5.81 -0.70 3.22
N ALA A 164 4.60 -0.57 3.74
CA ALA A 164 4.36 -0.48 5.17
C ALA A 164 4.39 -1.84 5.85
N LYS A 165 4.81 -2.89 5.14
CA LYS A 165 4.87 -4.22 5.74
C LYS A 165 5.79 -4.25 6.95
N ASP A 166 6.97 -3.63 6.83
CA ASP A 166 7.94 -3.66 7.91
C ASP A 166 7.39 -3.03 9.18
N ILE A 167 6.57 -1.98 9.04
CA ILE A 167 6.12 -1.22 10.19
C ILE A 167 4.85 -1.80 10.81
N CYS A 168 4.02 -2.49 10.01
CA CYS A 168 2.70 -2.91 10.46
C CYS A 168 2.53 -4.43 10.47
N GLU A 169 3.63 -5.18 10.43
CA GLU A 169 3.51 -6.64 10.49
C GLU A 169 3.02 -7.11 11.85
N GLU A 170 3.52 -6.50 12.93
CA GLU A 170 3.22 -6.99 14.26
C GLU A 170 1.80 -6.65 14.70
N GLN A 171 1.24 -5.55 14.21
CA GLN A 171 -0.03 -5.04 14.71
C GLN A 171 -1.22 -5.39 13.85
N VAL A 172 -1.01 -5.78 12.59
CA VAL A 172 -2.09 -6.10 11.67
C VAL A 172 -1.89 -7.54 11.19
N ASN A 173 -2.74 -8.45 11.70
CA ASN A 173 -2.67 -9.84 11.26
C ASN A 173 -3.38 -10.07 9.93
N SER A 174 -4.33 -9.21 9.58
CA SER A 174 -5.05 -9.34 8.31
C SER A 174 -4.23 -8.83 7.13
N LEU A 175 -3.00 -8.34 7.36
CA LEU A 175 -2.21 -7.82 6.25
C LEU A 175 -1.79 -8.91 5.26
N PRO A 176 -1.23 -10.04 5.68
CA PRO A 176 -0.85 -11.06 4.68
C PRO A 176 -2.01 -11.56 3.86
N GLY A 177 -3.15 -11.83 4.48
CA GLY A 177 -4.30 -12.30 3.72
C GLY A 177 -4.82 -11.28 2.74
N SER A 178 -4.84 -10.01 3.13
CA SER A 178 -5.27 -8.96 2.23
C SER A 178 -4.31 -8.82 1.06
N ILE A 179 -3.01 -8.88 1.32
CA ILE A 179 -2.01 -8.83 0.25
C ILE A 179 -2.19 -9.99 -0.70
N THR A 180 -2.49 -11.18 -0.16
CA THR A 180 -2.68 -12.36 -1.00
C THR A 180 -3.93 -12.22 -1.87
N LYS A 181 -5.02 -11.70 -1.31
CA LYS A 181 -6.24 -11.54 -2.08
C LYS A 181 -6.06 -10.53 -3.21
N ALA A 182 -5.35 -9.43 -2.93
CA ALA A 182 -5.08 -8.44 -3.96
C ALA A 182 -4.23 -9.03 -5.08
N GLY A 183 -3.19 -9.79 -4.71
CA GLY A 183 -2.37 -10.42 -5.72
C GLY A 183 -3.11 -11.49 -6.51
N ASP A 184 -4.08 -12.14 -5.88
CA ASP A 184 -4.91 -13.10 -6.61
C ASP A 184 -5.71 -12.42 -7.71
N PHE A 185 -6.31 -11.27 -7.40
CA PHE A 185 -7.04 -10.53 -8.42
C PHE A 185 -6.13 -10.05 -9.53
N LEU A 186 -4.94 -9.55 -9.17
CA LEU A 186 -4.00 -9.09 -10.19
C LEU A 186 -3.56 -10.24 -11.08
N GLU A 187 -3.20 -11.37 -10.49
CA GLU A 187 -2.78 -12.52 -11.29
C GLU A 187 -3.89 -13.05 -12.18
N ALA A 188 -5.15 -12.93 -11.73
CA ALA A 188 -6.25 -13.47 -12.51
C ALA A 188 -6.51 -12.65 -13.77
N ASN A 189 -6.48 -11.32 -13.65
CA ASN A 189 -6.82 -10.44 -14.76
C ASN A 189 -5.60 -9.71 -15.33
N TYR A 190 -4.40 -10.24 -15.12
CA TYR A 190 -3.20 -9.59 -15.63
C TYR A 190 -3.04 -9.82 -17.14
N MET A 191 -3.26 -11.05 -17.60
CA MET A 191 -3.04 -11.36 -19.01
C MET A 191 -4.06 -10.67 -19.91
N ASN A 192 -5.19 -10.23 -19.37
CA ASN A 192 -6.19 -9.51 -20.13
C ASN A 192 -5.92 -8.02 -20.22
N LEU A 193 -4.86 -7.53 -19.58
CA LEU A 193 -4.57 -6.11 -19.58
C LEU A 193 -4.13 -5.64 -20.97
N GLN A 194 -4.50 -4.40 -21.29
CA GLN A 194 -4.10 -3.77 -22.55
C GLN A 194 -3.35 -2.47 -22.34
N ARG A 195 -3.32 -1.94 -21.12
CA ARG A 195 -2.74 -0.63 -20.83
C ARG A 195 -1.36 -0.83 -20.20
N SER A 196 -0.33 -0.26 -20.86
CA SER A 196 1.04 -0.46 -20.39
C SER A 196 1.24 0.08 -18.97
N TYR A 197 0.53 1.15 -18.61
CA TYR A 197 0.63 1.67 -17.26
C TYR A 197 0.16 0.63 -16.24
N THR A 198 -0.98 0.00 -16.50
CA THR A 198 -1.47 -1.03 -15.59
C THR A 198 -0.54 -2.25 -15.58
N VAL A 199 0.00 -2.61 -16.75
CA VAL A 199 0.95 -3.72 -16.82
C VAL A 199 2.16 -3.46 -15.95
N ALA A 200 2.61 -2.20 -15.92
CA ALA A 200 3.81 -1.87 -15.15
C ALA A 200 3.52 -1.87 -13.65
N ILE A 201 2.44 -1.23 -13.23
CA ILE A 201 2.16 -1.11 -11.80
C ILE A 201 1.73 -2.44 -11.20
N ALA A 202 0.94 -3.22 -11.96
CA ALA A 202 0.58 -4.55 -11.48
C ALA A 202 1.76 -5.50 -11.54
N GLY A 203 2.66 -5.30 -12.50
CA GLY A 203 3.88 -6.10 -12.54
C GLY A 203 4.76 -5.85 -11.34
N TYR A 204 4.87 -4.59 -10.91
CA TYR A 204 5.65 -4.28 -9.71
C TYR A 204 5.02 -4.91 -8.47
N ALA A 205 3.68 -4.84 -8.35
CA ALA A 205 3.01 -5.40 -7.19
C ALA A 205 3.21 -6.92 -7.13
N LEU A 206 3.01 -7.59 -8.27
CA LEU A 206 3.20 -9.04 -8.30
C LEU A 206 4.66 -9.41 -8.09
N ALA A 207 5.59 -8.61 -8.63
CA ALA A 207 7.01 -8.90 -8.44
C ALA A 207 7.40 -8.80 -6.97
N GLN A 208 6.81 -7.84 -6.25
CA GLN A 208 7.01 -7.79 -4.81
C GLN A 208 6.54 -9.07 -4.13
N MET A 209 5.43 -9.62 -4.60
CA MET A 209 4.90 -10.88 -4.07
C MET A 209 5.60 -12.09 -4.65
N GLY A 210 6.49 -11.91 -5.61
CA GLY A 210 7.10 -13.05 -6.28
C GLY A 210 6.17 -13.82 -7.17
N ARG A 211 5.20 -13.13 -7.79
CA ARG A 211 4.22 -13.78 -8.66
C ARG A 211 4.38 -13.43 -10.14
N LEU A 212 5.20 -12.43 -10.48
CA LEU A 212 5.41 -12.05 -11.87
C LEU A 212 6.32 -13.09 -12.52
N LYS A 213 5.74 -14.26 -12.82
CA LYS A 213 6.47 -15.38 -13.37
C LYS A 213 5.68 -15.96 -14.54
N GLY A 214 6.37 -16.71 -15.39
CA GLY A 214 5.76 -17.39 -16.49
C GLY A 214 5.20 -16.46 -17.55
N PRO A 215 4.05 -16.81 -18.12
CA PRO A 215 3.45 -15.97 -19.16
C PRO A 215 3.14 -14.56 -18.70
N LEU A 216 2.75 -14.39 -17.43
CA LEU A 216 2.53 -13.06 -16.87
C LEU A 216 3.81 -12.23 -16.96
N LEU A 217 4.95 -12.83 -16.59
CA LEU A 217 6.23 -12.15 -16.72
C LEU A 217 6.51 -11.78 -18.17
N ASN A 218 6.21 -12.69 -19.10
CA ASN A 218 6.44 -12.42 -20.51
C ASN A 218 5.65 -11.21 -20.98
N LYS A 219 4.37 -11.12 -20.59
CA LYS A 219 3.55 -9.97 -20.94
C LYS A 219 4.19 -8.68 -20.47
N PHE A 220 4.72 -8.66 -19.24
CA PHE A 220 5.35 -7.47 -18.69
C PHE A 220 6.53 -7.02 -19.55
N LEU A 221 7.45 -7.93 -19.85
CA LEU A 221 8.65 -7.57 -20.59
C LEU A 221 8.36 -7.25 -22.05
N THR A 222 7.35 -7.88 -22.63
CA THR A 222 6.99 -7.62 -24.02
C THR A 222 6.15 -6.37 -24.20
N THR A 223 5.61 -5.81 -23.10
CA THR A 223 4.88 -4.55 -23.21
C THR A 223 5.81 -3.38 -23.51
N ALA A 224 7.10 -3.52 -23.22
CA ALA A 224 8.05 -2.44 -23.42
C ALA A 224 8.30 -2.20 -24.90
N LYS A 225 8.18 -0.95 -25.32
CA LYS A 225 8.54 -0.56 -26.68
C LYS A 225 10.05 -0.34 -26.77
N ASP A 226 10.67 -0.93 -27.79
CA ASP A 226 12.12 -0.87 -27.98
C ASP A 226 12.88 -1.37 -26.76
N LYS A 227 12.21 -2.12 -25.88
CA LYS A 227 12.82 -2.73 -24.70
C LYS A 227 13.47 -1.68 -23.79
N ASN A 228 12.80 -0.55 -23.59
CA ASN A 228 13.36 0.47 -22.72
C ASN A 228 12.30 1.31 -22.02
N ARG A 229 11.06 1.30 -22.51
CA ARG A 229 10.03 2.14 -21.94
C ARG A 229 8.68 1.43 -21.97
N TRP A 230 7.82 1.78 -21.02
CA TRP A 230 6.44 1.32 -20.95
C TRP A 230 5.56 2.55 -21.18
N GLU A 231 4.99 2.67 -22.39
CA GLU A 231 4.27 3.87 -22.75
C GLU A 231 2.88 3.54 -23.30
N ASP A 232 1.99 4.51 -23.17
CA ASP A 232 0.65 4.48 -23.73
C ASP A 232 0.37 5.84 -24.35
N PRO A 233 -0.57 5.91 -25.30
CA PRO A 233 -0.95 7.22 -25.84
C PRO A 233 -1.57 8.10 -24.76
N GLY A 234 -0.88 9.20 -24.46
CA GLY A 234 -1.34 10.11 -23.42
C GLY A 234 -0.21 11.02 -22.98
N LYS A 235 -0.41 11.64 -21.81
CA LYS A 235 0.62 12.49 -21.25
C LYS A 235 1.88 11.69 -20.95
N GLN A 236 3.03 12.33 -21.13
CA GLN A 236 4.29 11.64 -20.89
C GLN A 236 4.58 11.45 -19.41
N LEU A 237 3.95 12.25 -18.54
CA LEU A 237 4.08 12.04 -17.11
C LEU A 237 3.58 10.65 -16.71
N TYR A 238 2.50 10.19 -17.35
CA TYR A 238 2.00 8.85 -17.09
C TYR A 238 3.00 7.80 -17.55
N ASN A 239 3.67 8.04 -18.69
CA ASN A 239 4.63 7.08 -19.21
C ASN A 239 5.87 7.02 -18.34
N VAL A 240 6.29 8.16 -17.80
CA VAL A 240 7.44 8.18 -16.88
C VAL A 240 7.09 7.42 -15.60
N GLU A 241 5.89 7.65 -15.06
CA GLU A 241 5.45 6.90 -13.89
C GLU A 241 5.42 5.40 -14.17
N ALA A 242 4.92 5.01 -15.34
CA ALA A 242 4.83 3.60 -15.68
C ALA A 242 6.21 2.97 -15.83
N THR A 243 7.12 3.66 -16.53
CA THR A 243 8.47 3.13 -16.70
C THR A 243 9.20 3.04 -15.36
N SER A 244 8.89 3.95 -14.43
CA SER A 244 9.51 3.86 -13.10
C SER A 244 8.97 2.66 -12.32
N TYR A 245 7.66 2.43 -12.37
CA TYR A 245 7.10 1.21 -11.79
C TYR A 245 7.74 -0.03 -12.42
N ALA A 246 7.96 0.00 -13.72
CA ALA A 246 8.56 -1.15 -14.40
C ALA A 246 10.01 -1.34 -13.99
N LEU A 247 10.75 -0.24 -13.81
CA LEU A 247 12.13 -0.34 -13.34
C LEU A 247 12.19 -0.97 -11.96
N LEU A 248 11.28 -0.57 -11.07
CA LEU A 248 11.24 -1.17 -9.74
C LEU A 248 10.86 -2.64 -9.81
N ALA A 249 9.96 -3.00 -10.73
CA ALA A 249 9.63 -4.40 -10.93
C ALA A 249 10.84 -5.18 -11.42
N LEU A 250 11.60 -4.60 -12.36
CA LEU A 250 12.80 -5.26 -12.86
C LEU A 250 13.84 -5.43 -11.76
N LEU A 251 14.01 -4.40 -10.92
CA LEU A 251 14.97 -4.49 -9.83
C LEU A 251 14.59 -5.58 -8.84
N GLN A 252 13.29 -5.79 -8.64
CA GLN A 252 12.85 -6.91 -7.80
C GLN A 252 13.09 -8.23 -8.50
N LEU A 253 12.90 -8.28 -9.81
CA LEU A 253 13.09 -9.49 -10.59
C LEU A 253 14.56 -9.84 -10.80
N LYS A 254 15.48 -8.94 -10.44
CA LYS A 254 16.92 -9.14 -10.61
C LYS A 254 17.31 -9.34 -12.08
N ASP A 255 16.48 -8.89 -13.01
CA ASP A 255 16.80 -9.01 -14.43
C ASP A 255 17.65 -7.80 -14.86
N PHE A 256 18.89 -7.82 -14.39
CA PHE A 256 19.80 -6.70 -14.59
C PHE A 256 20.28 -6.57 -16.03
N ASP A 257 20.05 -7.57 -16.88
CA ASP A 257 20.38 -7.44 -18.29
C ASP A 257 19.33 -6.66 -19.06
N PHE A 258 18.19 -6.38 -18.45
CA PHE A 258 17.14 -5.57 -19.06
C PHE A 258 17.12 -4.14 -18.55
N VAL A 259 17.74 -3.88 -17.41
CA VAL A 259 17.68 -2.60 -16.71
C VAL A 259 18.40 -1.47 -17.44
N PRO A 260 19.63 -1.64 -17.92
CA PRO A 260 20.41 -0.50 -18.46
C PRO A 260 19.65 0.29 -19.51
N PRO A 261 18.99 -0.35 -20.49
CA PRO A 261 18.24 0.47 -21.47
C PRO A 261 17.12 1.27 -20.84
N VAL A 262 16.46 0.73 -19.81
CA VAL A 262 15.35 1.43 -19.18
C VAL A 262 15.86 2.65 -18.41
N VAL A 263 16.94 2.48 -17.65
CA VAL A 263 17.52 3.61 -16.93
C VAL A 263 18.06 4.65 -17.91
N ARG A 264 18.63 4.19 -19.02
CA ARG A 264 19.10 5.11 -20.05
C ARG A 264 17.95 5.97 -20.58
N TRP A 265 16.82 5.34 -20.87
CA TRP A 265 15.66 6.09 -21.35
C TRP A 265 15.15 7.05 -20.29
N LEU A 266 15.16 6.63 -19.01
CA LEU A 266 14.68 7.49 -17.94
C LEU A 266 15.59 8.70 -17.76
N ASN A 267 16.90 8.51 -17.82
CA ASN A 267 17.82 9.64 -17.76
C ASN A 267 17.69 10.53 -18.98
N GLU A 268 17.48 9.93 -20.17
CA GLU A 268 17.38 10.70 -21.39
C GLU A 268 16.10 11.51 -21.49
N GLN A 269 15.11 11.25 -20.63
CA GLN A 269 13.95 12.13 -20.55
C GLN A 269 14.27 13.43 -19.80
N ARG A 270 15.37 13.45 -19.04
CA ARG A 270 15.82 14.65 -18.34
C ARG A 270 14.76 15.20 -17.40
N TYR A 271 13.92 14.33 -16.85
CA TYR A 271 12.86 14.75 -15.95
C TYR A 271 13.45 15.00 -14.56
N TYR A 272 13.30 16.24 -14.07
CA TYR A 272 13.88 16.64 -12.80
C TYR A 272 12.81 17.01 -11.77
N GLY A 273 11.57 16.57 -11.98
CA GLY A 273 10.50 16.89 -11.08
C GLY A 273 9.84 18.23 -11.39
N GLY A 274 8.68 18.43 -10.80
CA GLY A 274 7.94 19.66 -10.98
C GLY A 274 6.96 19.59 -12.13
N GLY A 275 6.04 20.54 -12.15
CA GLY A 275 5.00 20.61 -13.16
C GLY A 275 3.62 20.35 -12.56
N TYR A 276 2.60 20.75 -13.31
CA TYR A 276 1.23 20.58 -12.87
C TYR A 276 0.92 19.11 -12.67
N GLY A 277 0.58 18.74 -11.43
CA GLY A 277 0.24 17.37 -11.12
C GLY A 277 1.37 16.39 -11.38
N SER A 278 2.57 16.75 -10.95
CA SER A 278 3.75 15.91 -11.13
C SER A 278 4.05 15.06 -9.91
N THR A 279 3.03 14.79 -9.09
CA THR A 279 3.27 14.09 -7.82
C THR A 279 3.72 12.66 -8.05
N GLN A 280 2.89 11.85 -8.70
CA GLN A 280 3.23 10.45 -8.92
C GLN A 280 4.47 10.31 -9.81
N ALA A 281 4.63 11.22 -10.78
CA ALA A 281 5.78 11.17 -11.66
C ALA A 281 7.07 11.37 -10.88
N THR A 282 7.13 12.45 -10.09
CA THR A 282 8.34 12.75 -9.33
C THR A 282 8.65 11.66 -8.31
N PHE A 283 7.62 11.23 -7.57
CA PHE A 283 7.82 10.22 -6.54
C PHE A 283 8.39 8.93 -7.13
N MET A 284 7.76 8.42 -8.20
CA MET A 284 8.14 7.11 -8.71
C MET A 284 9.46 7.16 -9.45
N VAL A 285 9.73 8.24 -10.20
CA VAL A 285 10.95 8.28 -11.00
C VAL A 285 12.17 8.30 -10.08
N PHE A 286 12.10 9.02 -8.96
CA PHE A 286 13.22 9.12 -8.05
C PHE A 286 13.25 7.98 -7.06
N GLN A 287 12.11 7.36 -6.77
CA GLN A 287 12.12 6.11 -6.03
C GLN A 287 12.82 5.00 -6.81
N ALA A 288 12.51 4.91 -8.12
CA ALA A 288 13.10 3.86 -8.94
C ALA A 288 14.59 4.10 -9.17
N LEU A 289 14.98 5.35 -9.40
CA LEU A 289 16.40 5.65 -9.60
C LEU A 289 17.19 5.42 -8.32
N ALA A 290 16.63 5.80 -7.17
CA ALA A 290 17.31 5.56 -5.90
C ALA A 290 17.48 4.07 -5.64
N GLN A 291 16.43 3.28 -5.89
CA GLN A 291 16.52 1.85 -5.71
C GLN A 291 17.45 1.19 -6.74
N TYR A 292 17.64 1.83 -7.90
CA TYR A 292 18.64 1.34 -8.84
C TYR A 292 20.04 1.53 -8.28
N GLN A 293 20.34 2.73 -7.78
CA GLN A 293 21.67 2.99 -7.23
C GLN A 293 21.93 2.13 -5.99
N LYS A 294 20.88 1.76 -5.26
CA LYS A 294 21.06 0.88 -4.10
C LYS A 294 21.27 -0.57 -4.55
N ASP A 295 20.50 -1.03 -5.52
CA ASP A 295 20.61 -2.39 -6.04
C ASP A 295 21.44 -2.45 -7.32
N ALA A 296 22.41 -1.56 -7.46
CA ALA A 296 23.20 -1.49 -8.69
C ALA A 296 24.12 -2.70 -8.78
N PRO A 297 24.19 -3.37 -9.93
CA PRO A 297 25.10 -4.50 -10.16
C PRO A 297 26.52 -4.04 -10.49
N THR B 11 6.55 -17.34 23.79
CA THR B 11 6.07 -15.97 23.73
C THR B 11 6.78 -15.19 22.63
N ASP B 12 6.65 -15.68 21.39
CA ASP B 12 7.36 -15.07 20.26
C ASP B 12 6.99 -13.60 20.08
N ALA B 13 5.78 -13.21 20.49
CA ALA B 13 5.39 -11.81 20.41
C ALA B 13 6.33 -10.93 21.22
N THR B 14 6.43 -11.20 22.52
CA THR B 14 7.33 -10.42 23.37
C THR B 14 8.78 -10.58 22.96
N ILE B 15 9.15 -11.73 22.41
CA ILE B 15 10.52 -11.91 21.91
C ILE B 15 10.83 -10.88 20.84
N LYS B 16 9.99 -10.80 19.81
CA LYS B 16 10.19 -9.80 18.76
C LYS B 16 10.03 -8.38 19.31
N LYS B 17 9.14 -8.18 20.28
CA LYS B 17 8.98 -6.86 20.88
C LYS B 17 10.29 -6.37 21.50
N GLU B 18 11.10 -7.28 22.03
CA GLU B 18 12.37 -6.92 22.62
C GLU B 18 13.53 -6.93 21.61
N GLN B 19 13.44 -7.76 20.57
CA GLN B 19 14.47 -7.75 19.55
C GLN B 19 14.48 -6.45 18.77
N LYS B 20 13.29 -5.87 18.55
CA LYS B 20 13.23 -4.54 17.93
C LYS B 20 13.92 -3.50 18.81
N LEU B 21 13.77 -3.63 20.13
CA LEU B 21 14.36 -2.64 21.04
C LEU B 21 15.88 -2.72 21.03
N ILE B 22 16.44 -3.93 21.09
CA ILE B 22 17.89 -4.06 21.15
C ILE B 22 18.52 -3.63 19.83
N GLN B 23 17.89 -3.98 18.71
CA GLN B 23 18.41 -3.56 17.41
C GLN B 23 18.36 -2.03 17.27
N ALA B 24 17.32 -1.41 17.83
CA ALA B 24 17.27 0.05 17.85
C ALA B 24 18.37 0.63 18.74
N GLN B 25 18.66 -0.03 19.86
CA GLN B 25 19.70 0.46 20.75
C GLN B 25 21.07 0.40 20.09
N ASN B 26 21.38 -0.72 19.43
CA ASN B 26 22.68 -0.87 18.79
C ASN B 26 22.84 0.11 17.64
N LEU B 27 21.78 0.32 16.85
CA LEU B 27 21.88 1.22 15.71
C LEU B 27 21.92 2.68 16.13
N VAL B 28 21.23 3.04 17.22
CA VAL B 28 21.34 4.40 17.75
C VAL B 28 22.74 4.65 18.29
N ARG B 29 23.31 3.65 18.97
CA ARG B 29 24.69 3.77 19.44
C ARG B 29 25.65 3.89 18.26
N GLU B 30 25.43 3.11 17.20
CA GLU B 30 26.27 3.22 16.02
C GLU B 30 26.14 4.59 15.37
N PHE B 31 24.93 5.17 15.38
CA PHE B 31 24.75 6.51 14.86
C PHE B 31 25.47 7.54 15.73
N GLU B 32 25.40 7.38 17.05
CA GLU B 32 26.11 8.30 17.93
C GLU B 32 27.61 8.23 17.72
N LYS B 33 28.13 7.05 17.37
CA LYS B 33 29.56 6.89 17.11
C LYS B 33 29.94 7.24 15.69
N THR B 34 29.04 7.05 14.73
CA THR B 34 29.29 7.38 13.32
C THR B 34 28.16 8.31 12.86
N HIS B 35 28.46 9.61 12.82
CA HIS B 35 27.47 10.61 12.40
C HIS B 35 27.43 10.63 10.88
N THR B 36 26.70 9.66 10.31
CA THR B 36 26.56 9.52 8.88
C THR B 36 25.10 9.38 8.51
N VAL B 37 24.82 9.52 7.22
CA VAL B 37 23.44 9.39 6.74
C VAL B 37 22.98 7.94 6.87
N SER B 38 23.87 6.99 6.61
CA SER B 38 23.49 5.57 6.67
C SER B 38 23.03 5.18 8.07
N ALA B 39 23.82 5.52 9.09
CA ALA B 39 23.44 5.20 10.45
C ALA B 39 22.20 5.98 10.89
N HIS B 40 21.98 7.16 10.31
CA HIS B 40 20.77 7.93 10.62
C HIS B 40 19.53 7.19 10.13
N ARG B 41 19.54 6.74 8.87
CA ARG B 41 18.38 6.04 8.33
C ARG B 41 18.12 4.74 9.08
N LYS B 42 19.17 3.99 9.38
CA LYS B 42 19.00 2.72 10.09
C LYS B 42 18.48 2.94 11.50
N ALA B 43 19.01 3.94 12.21
CA ALA B 43 18.54 4.20 13.56
C ALA B 43 17.11 4.72 13.57
N GLN B 44 16.77 5.58 12.62
CA GLN B 44 15.39 6.10 12.55
C GLN B 44 14.39 4.99 12.23
N LYS B 45 14.73 4.12 11.27
CA LYS B 45 13.85 3.01 10.95
C LYS B 45 13.71 2.05 12.11
N ALA B 46 14.80 1.82 12.85
CA ALA B 46 14.75 0.89 13.97
C ALA B 46 13.95 1.46 15.14
N VAL B 47 14.10 2.76 15.42
CA VAL B 47 13.36 3.36 16.52
C VAL B 47 11.87 3.40 16.21
N ASN B 48 11.50 3.70 14.96
CA ASN B 48 10.09 3.77 14.60
C ASN B 48 9.40 2.42 14.71
N LEU B 49 10.14 1.32 14.54
CA LEU B 49 9.57 -0.01 14.60
C LEU B 49 9.42 -0.54 16.02
N VAL B 50 9.83 0.22 17.03
CA VAL B 50 9.69 -0.21 18.42
C VAL B 50 8.23 -0.08 18.82
N SER B 51 7.77 -1.05 19.60
CA SER B 51 6.35 -1.13 19.95
C SER B 51 5.92 0.05 20.83
N PHE B 52 4.60 0.26 20.88
CA PHE B 52 4.03 1.29 21.74
C PHE B 52 4.26 1.01 23.21
N GLU B 53 4.61 -0.23 23.56
CA GLU B 53 4.85 -0.58 24.96
C GLU B 53 5.97 0.25 25.56
N TYR B 54 7.11 0.30 24.88
CA TYR B 54 8.30 1.00 25.38
C TYR B 54 8.25 2.48 24.99
N LYS B 55 7.17 3.13 25.42
CA LYS B 55 6.89 4.51 24.98
C LYS B 55 7.99 5.46 25.40
N VAL B 56 8.32 5.50 26.71
CA VAL B 56 9.31 6.45 27.19
C VAL B 56 10.70 6.12 26.66
N LYS B 57 11.00 4.83 26.49
CA LYS B 57 12.31 4.45 25.95
C LYS B 57 12.44 4.90 24.50
N LYS B 58 11.35 4.84 23.73
CA LYS B 58 11.38 5.34 22.35
C LYS B 58 11.65 6.84 22.32
N MET B 59 11.04 7.59 23.24
CA MET B 59 11.28 9.02 23.30
C MET B 59 12.73 9.34 23.65
N VAL B 60 13.35 8.50 24.50
CA VAL B 60 14.74 8.71 24.86
C VAL B 60 15.64 8.52 23.64
N LEU B 61 15.43 7.41 22.91
CA LEU B 61 16.27 7.14 21.74
C LEU B 61 16.02 8.16 20.64
N GLN B 62 14.78 8.60 20.47
CA GLN B 62 14.49 9.63 19.48
C GLN B 62 15.14 10.96 19.85
N GLU B 63 15.15 11.29 21.15
CA GLU B 63 15.87 12.47 21.60
C GLU B 63 17.36 12.36 21.31
N ARG B 64 17.91 11.15 21.44
CA ARG B 64 19.33 10.94 21.14
C ARG B 64 19.62 11.11 19.66
N ILE B 65 18.72 10.64 18.79
CA ILE B 65 18.90 10.83 17.35
C ILE B 65 18.84 12.31 17.01
N ASP B 66 17.90 13.04 17.61
CA ASP B 66 17.80 14.47 17.35
C ASP B 66 19.03 15.21 17.87
N ASN B 67 19.56 14.79 19.02
CA ASN B 67 20.77 15.42 19.55
C ASN B 67 21.96 15.22 18.62
N VAL B 68 22.10 14.01 18.06
CA VAL B 68 23.16 13.75 17.10
C VAL B 68 22.98 14.61 15.86
N LEU B 69 21.73 14.78 15.41
CA LEU B 69 21.46 15.63 14.26
C LEU B 69 21.75 17.10 14.56
N LYS B 70 21.54 17.53 15.80
CA LYS B 70 21.92 18.88 16.18
C LYS B 70 23.44 19.05 16.17
N GLN B 71 24.16 18.02 16.62
CA GLN B 71 25.63 18.07 16.55
C GLN B 71 26.11 18.14 15.11
N GLY B 72 25.35 17.58 14.18
CA GLY B 72 25.73 17.51 12.79
C GLY B 72 26.28 16.15 12.41
N LEU B 73 26.29 15.89 11.10
CA LEU B 73 26.81 14.65 10.57
C LEU B 73 27.67 14.94 9.36
N VAL B 74 28.53 13.98 9.02
CA VAL B 74 29.48 14.12 7.92
C VAL B 74 29.36 12.93 6.99
N ARG B 75 29.37 13.20 5.69
CA ARG B 75 29.32 12.17 4.65
C ARG B 75 28.12 11.24 4.82
N ALA C 7 -0.27 -17.65 31.74
CA ALA C 7 -0.87 -18.28 32.91
C ALA C 7 -2.30 -17.79 33.12
N GLU C 8 -2.51 -17.10 34.24
CA GLU C 8 -3.83 -16.56 34.53
C GLU C 8 -4.22 -15.43 33.59
N LYS C 9 -3.25 -14.79 32.94
CA LYS C 9 -3.53 -13.73 31.99
C LYS C 9 -4.00 -14.31 30.66
N CYS C 10 -3.45 -13.81 29.56
CA CYS C 10 -3.86 -14.28 28.24
C CYS C 10 -2.74 -14.01 27.25
N GLY C 11 -2.73 -14.80 26.18
CA GLY C 11 -1.78 -14.62 25.10
C GLY C 11 -2.33 -13.74 24.00
N PRO C 12 -1.86 -13.95 22.77
CA PRO C 12 -2.37 -13.15 21.66
C PRO C 12 -3.78 -13.56 21.29
N PRO C 13 -4.58 -12.65 20.73
CA PRO C 13 -5.92 -13.02 20.31
C PRO C 13 -5.86 -13.94 19.09
N PRO C 14 -6.80 -14.87 18.97
CA PRO C 14 -6.77 -15.81 17.84
C PRO C 14 -7.02 -15.08 16.53
N PRO C 15 -6.23 -15.39 15.50
CA PRO C 15 -6.44 -14.73 14.19
C PRO C 15 -7.53 -15.41 13.37
N ILE C 16 -8.58 -14.66 13.04
CA ILE C 16 -9.65 -15.20 12.22
C ILE C 16 -9.34 -14.92 10.75
N ASP C 17 -10.03 -15.64 9.87
CA ASP C 17 -9.86 -15.47 8.43
C ASP C 17 -10.77 -14.36 7.92
N ASN C 18 -10.23 -13.56 7.00
CA ASN C 18 -10.96 -12.44 6.39
C ASN C 18 -11.43 -11.43 7.44
N GLY C 19 -10.66 -11.27 8.51
CA GLY C 19 -11.01 -10.33 9.55
C GLY C 19 -9.86 -10.14 10.50
N ASP C 20 -10.06 -9.23 11.46
CA ASP C 20 -9.04 -8.93 12.45
C ASP C 20 -9.71 -8.22 13.63
N ILE C 21 -8.92 -8.01 14.69
CA ILE C 21 -9.41 -7.31 15.87
C ILE C 21 -9.56 -5.84 15.56
N THR C 22 -10.19 -5.08 16.46
CA THR C 22 -10.48 -3.67 16.23
C THR C 22 -9.62 -2.74 17.08
N SER C 23 -8.44 -3.21 17.50
CA SER C 23 -7.58 -2.39 18.35
C SER C 23 -6.12 -2.71 18.05
N PHE C 24 -5.23 -1.94 18.67
CA PHE C 24 -3.80 -2.21 18.59
C PHE C 24 -3.48 -3.52 19.30
N LEU C 25 -2.71 -4.38 18.63
CA LEU C 25 -2.39 -5.68 19.19
C LEU C 25 -1.38 -5.55 20.32
N LEU C 26 -1.79 -5.95 21.51
CA LEU C 26 -0.91 -5.92 22.68
C LEU C 26 0.02 -7.13 22.66
N SER C 27 1.20 -6.96 23.27
CA SER C 27 2.14 -8.07 23.37
C SER C 27 1.69 -9.05 24.44
N VAL C 28 1.13 -8.55 25.54
CA VAL C 28 0.58 -9.37 26.61
C VAL C 28 -0.80 -8.84 26.96
N TYR C 29 -1.76 -9.74 27.13
CA TYR C 29 -3.15 -9.37 27.37
C TYR C 29 -3.54 -9.72 28.81
N ALA C 30 -4.34 -8.85 29.41
CA ALA C 30 -4.75 -8.96 30.80
C ALA C 30 -5.84 -10.01 30.97
N PRO C 31 -6.02 -10.53 32.18
CA PRO C 31 -7.07 -11.52 32.42
C PRO C 31 -8.45 -10.89 32.46
N GLY C 32 -9.40 -11.54 31.80
CA GLY C 32 -10.79 -11.11 31.80
C GLY C 32 -11.15 -10.08 30.76
N SER C 33 -10.20 -9.67 29.90
CA SER C 33 -10.44 -8.65 28.90
C SER C 33 -10.98 -9.29 27.63
N SER C 34 -12.03 -8.68 27.07
CA SER C 34 -12.63 -9.13 25.82
C SER C 34 -12.16 -8.25 24.68
N VAL C 35 -12.14 -8.82 23.47
CA VAL C 35 -11.63 -8.15 22.28
C VAL C 35 -12.69 -8.23 21.19
N GLU C 36 -12.92 -7.09 20.52
CA GLU C 36 -13.90 -7.02 19.43
C GLU C 36 -13.25 -7.44 18.12
N TYR C 37 -14.01 -8.20 17.32
CA TYR C 37 -13.57 -8.65 16.01
C TYR C 37 -14.43 -8.03 14.92
N GLN C 38 -13.82 -7.84 13.75
CA GLN C 38 -14.50 -7.27 12.60
C GLN C 38 -14.09 -8.02 11.34
N CYS C 39 -15.05 -8.24 10.45
CA CYS C 39 -14.78 -8.90 9.19
C CYS C 39 -14.53 -7.87 8.09
N GLN C 40 -14.12 -8.35 6.93
CA GLN C 40 -13.91 -7.48 5.78
C GLN C 40 -15.26 -7.05 5.20
N ASN C 41 -15.20 -6.31 4.09
CA ASN C 41 -16.40 -5.78 3.48
C ASN C 41 -17.29 -6.91 2.96
N LEU C 42 -18.59 -6.78 3.20
CA LEU C 42 -19.61 -7.73 2.77
C LEU C 42 -19.49 -9.10 3.44
N TYR C 43 -18.43 -9.31 4.21
CA TYR C 43 -18.29 -10.55 4.96
C TYR C 43 -19.23 -10.54 6.16
N GLN C 44 -20.00 -11.62 6.31
CA GLN C 44 -20.98 -11.72 7.38
C GLN C 44 -20.36 -12.45 8.57
N LEU C 45 -20.47 -11.85 9.76
CA LEU C 45 -19.92 -12.42 10.97
C LEU C 45 -20.92 -13.40 11.58
N GLU C 46 -20.39 -14.50 12.13
CA GLU C 46 -21.20 -15.54 12.77
C GLU C 46 -20.54 -15.90 14.09
N GLY C 47 -20.99 -15.27 15.18
CA GLY C 47 -20.44 -15.51 16.49
C GLY C 47 -20.36 -14.25 17.32
N ASN C 48 -19.84 -14.36 18.54
CA ASN C 48 -19.70 -13.21 19.42
C ASN C 48 -18.51 -12.37 18.98
N ASN C 49 -18.75 -11.11 18.65
CA ASN C 49 -17.66 -10.23 18.23
C ASN C 49 -16.67 -9.99 19.36
N GLN C 50 -17.14 -9.97 20.60
CA GLN C 50 -16.29 -9.80 21.77
C GLN C 50 -16.07 -11.16 22.42
N ILE C 51 -14.88 -11.73 22.23
CA ILE C 51 -14.48 -12.95 22.92
C ILE C 51 -13.66 -12.56 24.14
N THR C 52 -13.98 -13.13 25.28
CA THR C 52 -13.33 -12.78 26.53
C THR C 52 -12.03 -13.56 26.69
N CYS C 53 -11.23 -13.14 27.67
CA CYS C 53 -9.95 -13.78 27.93
C CYS C 53 -10.13 -15.04 28.78
N ASN C 55 -9.10 -17.85 31.65
CA ASN C 55 -7.71 -18.26 31.84
C ASN C 55 -6.88 -17.93 30.61
N GLY C 56 -5.76 -18.63 30.44
CA GLY C 56 -4.89 -18.39 29.31
C GLY C 56 -5.51 -18.73 27.97
N GLN C 57 -6.54 -19.57 27.95
CA GLN C 57 -7.21 -19.95 26.72
C GLN C 57 -8.29 -18.93 26.39
N TRP C 58 -8.26 -18.43 25.16
CA TRP C 58 -9.23 -17.43 24.72
C TRP C 58 -10.59 -18.09 24.46
N SER C 59 -11.62 -17.25 24.43
CA SER C 59 -12.94 -17.71 24.06
C SER C 59 -13.00 -18.05 22.57
N GLU C 60 -14.05 -18.77 22.19
CA GLU C 60 -14.22 -19.19 20.81
C GLU C 60 -14.35 -17.98 19.90
N PRO C 61 -13.40 -17.75 18.99
CA PRO C 61 -13.48 -16.55 18.15
C PRO C 61 -14.58 -16.71 17.12
N PRO C 62 -15.19 -15.60 16.68
CA PRO C 62 -16.25 -15.69 15.67
C PRO C 62 -15.67 -15.98 14.29
N LYS C 63 -16.58 -16.35 13.38
CA LYS C 63 -16.21 -16.77 12.04
C LYS C 63 -16.83 -15.83 11.01
N CYS C 64 -16.02 -15.38 10.07
CA CYS C 64 -16.50 -14.55 8.97
C CYS C 64 -17.05 -15.45 7.86
N LEU C 65 -18.36 -15.42 7.67
CA LEU C 65 -18.97 -16.16 6.57
C LEU C 65 -18.68 -15.43 5.26
N ASP C 66 -18.18 -16.17 4.28
CA ASP C 66 -17.80 -15.58 3.00
C ASP C 66 -19.02 -15.03 2.28
N PRO C 67 -18.81 -14.08 1.35
CA PRO C 67 -19.92 -13.62 0.51
C PRO C 67 -19.86 -14.24 -0.88
N CYS C 68 -20.48 -13.58 -1.87
CA CYS C 68 -20.57 -14.11 -3.22
C CYS C 68 -20.17 -13.03 -4.22
N VAL C 69 -19.43 -13.45 -5.25
CA VAL C 69 -19.00 -12.56 -6.33
C VAL C 69 -19.57 -13.13 -7.63
N ILE C 70 -20.48 -12.39 -8.24
CA ILE C 70 -21.11 -12.79 -9.49
C ILE C 70 -20.43 -11.99 -10.59
N SER C 71 -19.48 -12.62 -11.28
CA SER C 71 -18.71 -11.96 -12.31
C SER C 71 -19.42 -12.08 -13.66
N GLN C 72 -19.08 -11.15 -14.56
CA GLN C 72 -19.68 -11.15 -15.89
C GLN C 72 -19.28 -12.38 -16.70
N GLU C 73 -18.12 -12.97 -16.38
CA GLU C 73 -17.66 -14.13 -17.14
C GLU C 73 -18.60 -15.31 -16.98
N ILE C 74 -18.91 -15.67 -15.74
CA ILE C 74 -19.78 -16.82 -15.49
C ILE C 74 -21.16 -16.59 -16.09
N MET C 75 -21.65 -15.34 -16.04
CA MET C 75 -22.97 -15.06 -16.57
C MET C 75 -23.01 -15.15 -18.09
N GLU C 76 -22.00 -14.58 -18.75
CA GLU C 76 -21.97 -14.63 -20.21
C GLU C 76 -21.77 -16.05 -20.73
N LYS C 77 -21.06 -16.89 -19.98
CA LYS C 77 -20.94 -18.29 -20.37
C LYS C 77 -22.29 -19.01 -20.24
N TYR C 78 -23.13 -18.59 -19.31
CA TYR C 78 -24.45 -19.17 -19.13
C TYR C 78 -25.53 -18.43 -19.90
N ASN C 79 -25.18 -17.36 -20.61
CA ASN C 79 -26.13 -16.57 -21.40
C ASN C 79 -27.24 -16.01 -20.50
N ILE C 80 -26.85 -15.41 -19.39
CA ILE C 80 -27.78 -14.85 -18.42
C ILE C 80 -27.33 -13.44 -18.05
N LYS C 81 -28.31 -12.66 -17.59
CA LYS C 81 -28.07 -11.32 -17.04
C LYS C 81 -28.69 -11.24 -15.65
N LEU C 82 -28.63 -10.06 -15.07
CA LEU C 82 -29.32 -9.77 -13.83
C LEU C 82 -30.67 -9.12 -14.14
N LYS C 83 -31.61 -9.24 -13.19
CA LYS C 83 -32.90 -8.60 -13.35
C LYS C 83 -32.77 -7.08 -13.28
N TRP C 84 -31.82 -6.58 -12.50
CA TRP C 84 -31.61 -5.14 -12.36
C TRP C 84 -30.22 -4.76 -12.86
N THR C 85 -29.90 -5.14 -14.10
CA THR C 85 -28.58 -4.88 -14.68
C THR C 85 -28.24 -3.40 -14.69
N GLN C 88 -26.23 -3.31 -11.69
CA GLN C 88 -25.24 -4.37 -11.58
C GLN C 88 -24.42 -4.22 -10.31
N LYS C 89 -24.85 -4.92 -9.24
CA LYS C 89 -24.14 -4.85 -7.97
C LYS C 89 -22.97 -5.83 -7.91
N LEU C 90 -23.07 -6.96 -8.62
CA LEU C 90 -22.01 -7.97 -8.72
C LEU C 90 -21.73 -8.65 -7.38
N TYR C 91 -21.70 -7.89 -6.29
CA TYR C 91 -21.41 -8.43 -4.97
C TYR C 91 -22.71 -8.72 -4.22
N SER C 92 -22.71 -9.82 -3.46
CA SER C 92 -23.87 -10.22 -2.69
C SER C 92 -23.42 -10.77 -1.35
N ARG C 93 -24.18 -10.47 -0.30
CA ARG C 93 -23.87 -10.94 1.03
C ARG C 93 -24.45 -12.34 1.25
N THR C 94 -24.09 -12.92 2.40
CA THR C 94 -24.54 -14.27 2.73
C THR C 94 -26.05 -14.25 2.98
N GLY C 95 -26.83 -14.78 2.04
CA GLY C 95 -28.26 -14.85 2.14
C GLY C 95 -29.00 -13.96 1.17
N ASP C 96 -28.32 -12.97 0.58
CA ASP C 96 -28.97 -12.11 -0.40
C ASP C 96 -29.39 -12.91 -1.61
N ILE C 97 -30.67 -12.82 -1.97
CA ILE C 97 -31.20 -13.53 -3.12
C ILE C 97 -30.87 -12.75 -4.38
N VAL C 98 -30.29 -13.42 -5.36
CA VAL C 98 -29.93 -12.82 -6.64
C VAL C 98 -30.89 -13.36 -7.70
N GLU C 99 -31.51 -12.45 -8.46
CA GLU C 99 -32.50 -12.81 -9.47
C GLU C 99 -31.86 -12.64 -10.85
N PHE C 100 -31.63 -13.75 -11.53
CA PHE C 100 -31.09 -13.74 -12.87
C PHE C 100 -32.20 -13.82 -13.91
N VAL C 101 -31.88 -13.38 -15.12
CA VAL C 101 -32.79 -13.48 -16.26
C VAL C 101 -31.99 -13.98 -17.47
N CYS C 102 -32.71 -14.46 -18.47
CA CYS C 102 -32.08 -14.90 -19.69
C CYS C 102 -31.64 -13.71 -20.54
N LYS C 103 -30.81 -13.97 -21.53
CA LYS C 103 -30.40 -12.97 -22.50
C LYS C 103 -31.26 -13.07 -23.75
N SER C 104 -31.06 -12.12 -24.66
CA SER C 104 -31.86 -12.05 -25.87
C SER C 104 -31.66 -13.31 -26.72
N GLY C 105 -32.76 -13.95 -27.10
CA GLY C 105 -32.74 -15.17 -27.89
C GLY C 105 -32.71 -16.44 -27.07
N TYR C 106 -31.90 -16.46 -26.02
CA TYR C 106 -31.78 -17.65 -25.18
C TYR C 106 -32.98 -17.76 -24.24
N HIS C 107 -33.56 -18.95 -24.16
CA HIS C 107 -34.71 -19.23 -23.32
C HIS C 107 -34.32 -20.09 -22.14
N PRO C 108 -35.08 -20.04 -21.03
CA PRO C 108 -34.69 -20.79 -19.84
C PRO C 108 -34.67 -22.30 -20.08
N THR C 109 -33.70 -22.96 -19.46
CA THR C 109 -33.55 -24.41 -19.54
C THR C 109 -34.13 -25.13 -18.33
N LYS C 110 -34.70 -24.40 -17.37
CA LYS C 110 -35.28 -24.96 -16.15
C LYS C 110 -34.29 -25.77 -15.34
N SER C 111 -32.99 -25.54 -15.54
CA SER C 111 -31.99 -26.25 -14.75
C SER C 111 -32.08 -25.85 -13.28
N HIS C 112 -32.23 -24.55 -13.01
CA HIS C 112 -32.43 -24.05 -11.66
C HIS C 112 -33.36 -22.86 -11.72
N SER C 113 -34.09 -22.64 -10.62
CA SER C 113 -34.88 -21.43 -10.52
C SER C 113 -33.98 -20.21 -10.58
N PHE C 114 -34.40 -19.22 -11.35
CA PHE C 114 -33.57 -18.04 -11.60
C PHE C 114 -33.47 -17.11 -10.40
N ARG C 115 -33.93 -17.55 -9.23
CA ARG C 115 -33.74 -16.86 -7.97
C ARG C 115 -32.77 -17.69 -7.14
N ALA C 116 -31.53 -17.22 -7.03
CA ALA C 116 -30.46 -17.98 -6.41
C ALA C 116 -30.05 -17.33 -5.09
N MET C 117 -29.92 -18.15 -4.05
CA MET C 117 -29.45 -17.71 -2.75
C MET C 117 -27.93 -17.81 -2.69
N CYS C 118 -27.33 -16.99 -1.82
CA CYS C 118 -25.89 -17.00 -1.59
C CYS C 118 -25.61 -17.55 -0.20
N GLN C 119 -25.07 -18.78 -0.16
CA GLN C 119 -24.64 -19.42 1.08
C GLN C 119 -23.13 -19.51 1.08
N ASN C 120 -22.50 -18.88 2.08
CA ASN C 120 -21.04 -18.85 2.19
C ASN C 120 -20.42 -18.37 0.90
N GLY C 121 -19.83 -19.29 0.13
CA GLY C 121 -19.23 -18.92 -1.14
C GLY C 121 -20.03 -19.36 -2.35
N LYS C 122 -20.83 -20.41 -2.19
CA LYS C 122 -21.51 -21.02 -3.31
C LYS C 122 -22.69 -20.17 -3.78
N LEU C 123 -23.04 -20.32 -5.06
CA LEU C 123 -24.23 -19.72 -5.64
C LEU C 123 -24.47 -20.39 -6.98
N VAL C 124 -25.58 -21.12 -7.11
CA VAL C 124 -25.86 -21.90 -8.30
C VAL C 124 -26.40 -20.99 -9.39
N TYR C 125 -25.77 -21.03 -10.57
CA TYR C 125 -26.13 -20.18 -11.70
C TYR C 125 -27.10 -20.91 -12.62
N PRO C 126 -28.26 -20.32 -12.91
CA PRO C 126 -29.15 -20.90 -13.93
C PRO C 126 -28.62 -20.63 -15.33
N SER C 127 -29.10 -21.43 -16.28
CA SER C 127 -28.62 -21.38 -17.65
C SER C 127 -29.75 -20.99 -18.60
N CYS C 128 -29.36 -20.57 -19.80
CA CYS C 128 -30.29 -20.21 -20.86
C CYS C 128 -29.72 -20.68 -22.19
N GLU C 129 -30.59 -21.20 -23.06
CA GLU C 129 -30.18 -21.80 -24.31
C GLU C 129 -30.97 -21.22 -25.47
N GLU C 130 -30.35 -21.20 -26.64
CA GLU C 130 -30.98 -20.68 -27.85
C GLU C 130 -31.76 -21.79 -28.56
N LYS C 131 -32.66 -21.38 -29.45
CA LYS C 131 -33.52 -22.31 -30.17
C LYS C 131 -32.74 -23.09 -31.22
#